data_6Z0P
#
_entry.id   6Z0P
#
_cell.length_a   44.270
_cell.length_b   90.480
_cell.length_c   61.340
_cell.angle_alpha   90.000
_cell.angle_beta   111.110
_cell.angle_gamma   90.000
#
_symmetry.space_group_name_H-M   'P 1 21 1'
#
loop_
_entity.id
_entity.type
_entity.pdbx_description
1 polymer BceF
2 non-polymer "ADENOSINE-5'-DIPHOSPHATE"
3 water water
#
_entity_poly.entity_id   1
_entity_poly.type   'polypeptide(L)'
_entity_poly.pdbx_seq_one_letter_code
;RRNMFQGIEDPDRIERAFNLPLYGLVPQSAEQVKLDAQAEKSGSRTRPILASLRPKDLSVESLRSLRTAMQFAMMDAKNR
VIVLTGPTPGIGKSFLTVNLAVLLAHSGKRVLLIDADMRRGLLDRYFGLTSQPGLSELLSDQSALEDAVRETPVQGLSFI
SAGTRPPNPSELLMSTRLPQYLEGLGKRYDVVLIDSPPVLAVTDATIIGRMAGSTFLVLRSGMHTEGEIADAIKRLRTAG
VDLEGGIFNGVPPKARGYGRGYAAVHEYLSA
;
_entity_poly.pdbx_strand_id   A,B
#
# COMPACT_ATOMS: atom_id res chain seq x y z
N GLY A 7 -9.95 -7.94 15.26
CA GLY A 7 -10.32 -6.50 15.40
C GLY A 7 -11.75 -6.30 15.88
N ILE A 8 -12.26 -5.06 15.78
CA ILE A 8 -13.61 -4.70 16.27
C ILE A 8 -14.67 -5.34 15.37
N GLU A 9 -15.67 -5.95 16.01
CA GLU A 9 -16.80 -6.66 15.34
C GLU A 9 -18.10 -5.90 15.61
N ASP A 10 -18.23 -5.30 16.79
CA ASP A 10 -19.49 -4.66 17.24
C ASP A 10 -19.62 -3.29 16.60
N PRO A 11 -20.67 -3.03 15.78
CA PRO A 11 -20.82 -1.75 15.10
C PRO A 11 -21.23 -0.65 16.09
N ASP A 12 -21.89 -1.04 17.18
CA ASP A 12 -22.38 -0.07 18.20
C ASP A 12 -21.18 0.54 18.92
N ARG A 13 -20.12 -0.23 19.14
CA ARG A 13 -18.90 0.30 19.82
C ARG A 13 -18.26 1.37 18.92
N ILE A 14 -18.34 1.22 17.60
CA ILE A 14 -17.68 2.17 16.65
C ILE A 14 -18.36 3.53 16.71
N GLU A 15 -19.68 3.59 16.57
CA GLU A 15 -20.38 4.91 16.54
C GLU A 15 -20.21 5.58 17.92
N ARG A 16 -20.18 4.79 18.99
CA ARG A 16 -20.13 5.33 20.38
C ARG A 16 -18.74 5.90 20.68
N ALA A 17 -17.69 5.15 20.34
CA ALA A 17 -16.30 5.49 20.70
C ALA A 17 -15.76 6.65 19.86
N PHE A 18 -16.20 6.81 18.61
CA PHE A 18 -15.62 7.86 17.73
C PHE A 18 -16.66 8.86 17.24
N ASN A 19 -17.90 8.79 17.74
CA ASN A 19 -19.01 9.63 17.22
C ASN A 19 -18.96 9.57 15.69
N LEU A 20 -18.94 8.34 15.17
CA LEU A 20 -18.87 8.06 13.72
C LEU A 20 -20.13 7.30 13.32
N PRO A 21 -21.15 7.99 12.79
CA PRO A 21 -22.40 7.34 12.43
C PRO A 21 -22.16 6.46 11.20
N LEU A 22 -22.62 5.21 11.26
CA LEU A 22 -22.42 4.24 10.16
C LEU A 22 -23.54 4.42 9.14
N TYR A 23 -23.17 4.76 7.91
CA TYR A 23 -24.14 4.99 6.81
C TYR A 23 -24.58 3.65 6.22
N GLY A 24 -23.82 2.57 6.45
CA GLY A 24 -24.22 1.25 5.98
C GLY A 24 -23.52 0.12 6.69
N LEU A 25 -24.24 -0.99 6.84
CA LEU A 25 -23.70 -2.30 7.30
C LEU A 25 -23.79 -3.27 6.13
N VAL A 26 -22.65 -3.68 5.59
CA VAL A 26 -22.60 -4.55 4.37
C VAL A 26 -22.14 -5.93 4.80
N PRO A 27 -23.02 -6.94 4.72
CA PRO A 27 -22.64 -8.31 5.09
C PRO A 27 -21.55 -8.92 4.22
N GLN A 28 -20.82 -9.87 4.80
CA GLN A 28 -19.97 -10.78 4.01
C GLN A 28 -20.89 -11.59 3.10
N SER A 29 -20.81 -11.40 1.78
CA SER A 29 -21.65 -12.12 0.79
C SER A 29 -20.96 -13.43 0.41
N ALA A 30 -21.65 -14.56 0.63
CA ALA A 30 -21.12 -15.91 0.30
C ALA A 30 -20.93 -16.03 -1.22
N GLU A 31 -21.81 -15.40 -2.01
CA GLU A 31 -21.76 -15.49 -3.49
C GLU A 31 -20.54 -14.74 -4.00
N GLN A 32 -20.23 -13.59 -3.41
CA GLN A 32 -19.01 -12.84 -3.77
C GLN A 32 -17.80 -13.74 -3.53
N VAL A 33 -17.77 -14.40 -2.37
CA VAL A 33 -16.63 -15.31 -2.01
C VAL A 33 -16.50 -16.37 -3.11
N LYS A 34 -17.62 -16.96 -3.52
CA LYS A 34 -17.65 -18.01 -4.58
C LYS A 34 -17.09 -17.46 -5.89
N LEU A 35 -17.58 -16.28 -6.29
CA LEU A 35 -17.21 -15.64 -7.57
C LEU A 35 -15.72 -15.32 -7.61
N ASP A 36 -15.14 -14.95 -6.47
CA ASP A 36 -13.70 -14.61 -6.35
C ASP A 36 -12.87 -15.89 -6.47
N ALA A 37 -13.30 -16.96 -5.80
CA ALA A 37 -12.69 -18.31 -5.92
C ALA A 37 -12.69 -18.74 -7.39
N GLN A 38 -13.85 -18.60 -8.03
CA GLN A 38 -14.10 -18.99 -9.44
C GLN A 38 -13.23 -18.13 -10.36
N ALA A 39 -13.07 -16.85 -10.04
CA ALA A 39 -12.22 -15.91 -10.82
C ALA A 39 -10.77 -16.29 -10.65
N GLU A 40 -10.39 -16.61 -9.41
CA GLU A 40 -9.01 -17.03 -9.04
C GLU A 40 -8.63 -18.26 -9.88
N LYS A 41 -9.35 -19.38 -9.71
CA LYS A 41 -8.96 -20.68 -10.34
C LYS A 41 -8.89 -20.53 -11.86
N SER A 42 -9.82 -19.80 -12.48
CA SER A 42 -9.81 -19.53 -13.94
C SER A 42 -8.75 -18.47 -14.23
N GLY A 43 -7.88 -18.68 -15.23
CA GLY A 43 -6.81 -17.71 -15.55
C GLY A 43 -7.38 -16.39 -16.05
N SER A 44 -8.13 -15.69 -15.20
CA SER A 44 -8.99 -14.54 -15.59
C SER A 44 -8.34 -13.21 -15.24
N ARG A 45 -8.70 -12.20 -16.02
CA ARG A 45 -8.14 -10.83 -15.94
C ARG A 45 -9.27 -9.85 -15.66
N THR A 46 -10.39 -10.33 -15.12
CA THR A 46 -11.55 -9.45 -14.83
C THR A 46 -12.19 -9.83 -13.51
N ARG A 47 -12.79 -8.84 -12.83
CA ARG A 47 -13.49 -9.02 -11.53
C ARG A 47 -15.00 -8.88 -11.77
N PRO A 48 -15.82 -9.83 -11.27
CA PRO A 48 -17.26 -9.79 -11.48
C PRO A 48 -17.97 -8.80 -10.55
N ILE A 49 -18.74 -7.88 -11.12
CA ILE A 49 -19.50 -6.85 -10.35
C ILE A 49 -20.77 -7.50 -9.82
N LEU A 50 -20.88 -7.60 -8.49
CA LEU A 50 -21.96 -8.33 -7.81
C LEU A 50 -23.31 -7.66 -8.10
N ALA A 51 -23.37 -6.33 -8.03
CA ALA A 51 -24.60 -5.53 -8.22
C ALA A 51 -25.19 -5.83 -9.60
N SER A 52 -24.33 -6.12 -10.58
CA SER A 52 -24.73 -6.52 -11.96
C SER A 52 -25.23 -7.97 -11.97
N LEU A 53 -24.46 -8.91 -11.40
CA LEU A 53 -24.74 -10.37 -11.52
C LEU A 53 -25.85 -10.81 -10.56
N ARG A 54 -25.91 -10.22 -9.35
CA ARG A 54 -26.85 -10.71 -8.30
C ARG A 54 -27.63 -9.56 -7.70
N PRO A 55 -28.66 -9.05 -8.42
CA PRO A 55 -29.42 -7.88 -7.97
C PRO A 55 -30.08 -7.99 -6.59
N LYS A 56 -30.39 -9.20 -6.10
CA LYS A 56 -31.02 -9.31 -4.76
C LYS A 56 -30.07 -10.05 -3.80
N ASP A 57 -28.75 -9.96 -4.03
CA ASP A 57 -27.77 -10.42 -3.02
C ASP A 57 -27.96 -9.53 -1.78
N LEU A 58 -27.90 -10.13 -0.58
CA LEU A 58 -28.07 -9.38 0.69
C LEU A 58 -27.09 -8.21 0.74
N SER A 59 -25.86 -8.38 0.26
CA SER A 59 -24.84 -7.30 0.27
C SER A 59 -25.27 -6.20 -0.70
N VAL A 60 -25.69 -6.58 -1.91
CA VAL A 60 -26.22 -5.62 -2.93
C VAL A 60 -27.43 -4.91 -2.33
N GLU A 61 -28.26 -5.63 -1.58
CA GLU A 61 -29.48 -5.02 -0.97
C GLU A 61 -29.04 -4.00 0.08
N SER A 62 -27.99 -4.29 0.84
CA SER A 62 -27.52 -3.36 1.89
C SER A 62 -26.90 -2.11 1.23
N LEU A 63 -26.28 -2.31 0.07
CA LEU A 63 -25.59 -1.24 -0.70
C LEU A 63 -26.58 -0.26 -1.34
N ARG A 64 -27.81 -0.69 -1.66
CA ARG A 64 -28.83 0.23 -2.23
C ARG A 64 -29.29 1.18 -1.13
N SER A 65 -29.39 0.67 0.08
CA SER A 65 -29.69 1.49 1.29
C SER A 65 -28.58 2.52 1.50
N LEU A 66 -27.33 2.10 1.37
CA LEU A 66 -26.14 2.97 1.54
C LEU A 66 -26.17 4.05 0.45
N ARG A 67 -26.34 3.61 -0.79
CA ARG A 67 -26.41 4.51 -1.98
C ARG A 67 -27.35 5.70 -1.71
N THR A 68 -28.56 5.46 -1.19
CA THR A 68 -29.57 6.53 -0.96
C THR A 68 -29.08 7.48 0.15
N ALA A 69 -28.50 6.94 1.22
CA ALA A 69 -28.04 7.73 2.39
C ALA A 69 -26.92 8.69 1.95
N MET A 70 -25.99 8.20 1.14
CA MET A 70 -24.85 9.00 0.59
C MET A 70 -25.39 10.11 -0.33
N GLN A 71 -26.45 9.83 -1.09
CA GLN A 71 -27.05 10.81 -2.04
C GLN A 71 -27.61 11.99 -1.26
N PHE A 72 -28.31 11.71 -0.16
CA PHE A 72 -28.85 12.75 0.75
C PHE A 72 -27.67 13.52 1.36
N ALA A 73 -26.61 12.82 1.75
CA ALA A 73 -25.39 13.44 2.33
C ALA A 73 -24.84 14.47 1.36
N MET A 74 -24.53 14.05 0.13
CA MET A 74 -23.81 14.91 -0.85
C MET A 74 -24.68 16.08 -1.31
N MET A 75 -26.02 15.96 -1.39
CA MET A 75 -26.84 17.12 -1.80
C MET A 75 -27.04 18.10 -0.63
N ASP A 76 -27.06 17.64 0.62
CA ASP A 76 -27.05 18.55 1.81
C ASP A 76 -25.75 19.35 1.80
N ALA A 77 -24.69 18.73 1.34
CA ALA A 77 -23.35 19.34 1.35
C ALA A 77 -23.17 20.21 0.11
N LYS A 78 -24.13 20.17 -0.81
CA LYS A 78 -24.04 20.89 -2.12
C LYS A 78 -22.68 20.56 -2.72
N ASN A 79 -22.43 19.27 -2.92
CA ASN A 79 -21.13 18.77 -3.39
C ASN A 79 -21.38 17.49 -4.16
N ARG A 80 -20.80 17.38 -5.35
CA ARG A 80 -21.08 16.16 -6.12
C ARG A 80 -19.82 15.30 -6.18
N VAL A 81 -18.95 15.47 -5.20
CA VAL A 81 -17.78 14.59 -5.03
C VAL A 81 -18.02 13.73 -3.80
N ILE A 82 -17.96 12.41 -3.98
CA ILE A 82 -17.96 11.41 -2.87
C ILE A 82 -16.59 10.77 -2.82
N VAL A 83 -16.05 10.61 -1.62
CA VAL A 83 -14.73 9.96 -1.40
C VAL A 83 -14.90 8.83 -0.38
N LEU A 84 -14.43 7.65 -0.74
CA LEU A 84 -14.22 6.53 0.21
C LEU A 84 -12.73 6.37 0.47
N THR A 85 -12.38 6.29 1.75
CA THR A 85 -10.99 5.98 2.20
C THR A 85 -11.07 4.88 3.25
N GLY A 86 -9.93 4.43 3.73
CA GLY A 86 -9.90 3.37 4.75
C GLY A 86 -8.55 3.34 5.44
N PRO A 87 -8.43 2.60 6.57
CA PRO A 87 -7.19 2.55 7.34
C PRO A 87 -6.07 1.79 6.62
N THR A 88 -6.41 0.70 5.94
CA THR A 88 -5.42 -0.15 5.24
C THR A 88 -6.05 -0.81 4.02
N PRO A 89 -5.24 -1.45 3.14
CA PRO A 89 -5.78 -2.37 2.14
C PRO A 89 -6.44 -3.61 2.76
N GLY A 90 -7.27 -4.31 1.97
CA GLY A 90 -7.90 -5.59 2.37
C GLY A 90 -9.21 -5.40 3.11
N ILE A 91 -9.81 -4.21 3.03
CA ILE A 91 -11.03 -3.85 3.81
C ILE A 91 -12.29 -3.97 2.94
N GLY A 92 -12.13 -4.05 1.62
CA GLY A 92 -13.26 -4.11 0.66
C GLY A 92 -13.57 -2.77 0.04
N LYS A 93 -12.61 -1.85 -0.03
CA LYS A 93 -12.89 -0.48 -0.57
C LYS A 93 -13.13 -0.58 -2.09
N SER A 94 -12.34 -1.37 -2.83
CA SER A 94 -12.56 -1.63 -4.28
C SER A 94 -13.98 -2.14 -4.48
N PHE A 95 -14.33 -3.19 -3.73
CA PHE A 95 -15.63 -3.90 -3.84
C PHE A 95 -16.79 -2.93 -3.62
N LEU A 96 -16.71 -2.10 -2.57
CA LEU A 96 -17.81 -1.16 -2.22
C LEU A 96 -17.91 -0.05 -3.26
N THR A 97 -16.79 0.49 -3.75
CA THR A 97 -16.81 1.68 -4.65
C THR A 97 -17.41 1.28 -5.99
N VAL A 98 -16.96 0.16 -6.56
CA VAL A 98 -17.38 -0.28 -7.91
C VAL A 98 -18.87 -0.65 -7.86
N ASN A 99 -19.31 -1.29 -6.78
CA ASN A 99 -20.72 -1.74 -6.62
C ASN A 99 -21.60 -0.54 -6.30
N LEU A 100 -21.05 0.45 -5.61
CA LEU A 100 -21.81 1.69 -5.29
C LEU A 100 -21.92 2.51 -6.57
N ALA A 101 -20.90 2.48 -7.43
CA ALA A 101 -20.87 3.25 -8.70
C ALA A 101 -21.93 2.69 -9.64
N VAL A 102 -21.99 1.36 -9.76
CA VAL A 102 -22.96 0.69 -10.66
C VAL A 102 -24.38 0.96 -10.18
N LEU A 103 -24.68 0.81 -8.89
CA LEU A 103 -26.05 1.02 -8.38
C LEU A 103 -26.45 2.49 -8.55
N LEU A 104 -25.53 3.44 -8.39
CA LEU A 104 -25.83 4.88 -8.62
C LEU A 104 -26.19 5.12 -10.08
N ALA A 105 -25.52 4.44 -11.00
CA ALA A 105 -25.81 4.50 -12.45
C ALA A 105 -27.20 3.91 -12.68
N HIS A 106 -27.53 2.80 -12.03
CA HIS A 106 -28.86 2.14 -12.16
C HIS A 106 -29.98 3.07 -11.69
N SER A 107 -29.73 3.94 -10.71
CA SER A 107 -30.73 4.90 -10.18
C SER A 107 -30.97 6.05 -11.18
N GLY A 108 -30.20 6.09 -12.28
CA GLY A 108 -30.39 7.04 -13.39
C GLY A 108 -29.47 8.23 -13.32
N LYS A 109 -28.35 8.13 -12.59
CA LYS A 109 -27.37 9.23 -12.46
C LYS A 109 -26.21 9.01 -13.42
N ARG A 110 -25.65 10.09 -13.96
CA ARG A 110 -24.37 10.02 -14.73
C ARG A 110 -23.23 9.99 -13.71
N VAL A 111 -22.54 8.86 -13.60
CA VAL A 111 -21.50 8.65 -12.55
C VAL A 111 -20.12 8.65 -13.19
N LEU A 112 -19.15 9.32 -12.55
CA LEU A 112 -17.73 9.18 -12.91
C LEU A 112 -17.02 8.54 -11.72
N LEU A 113 -16.45 7.35 -11.95
CA LEU A 113 -15.65 6.60 -10.94
C LEU A 113 -14.18 6.85 -11.23
N ILE A 114 -13.45 7.29 -10.21
CA ILE A 114 -11.98 7.50 -10.32
C ILE A 114 -11.28 6.56 -9.33
N ASP A 115 -10.30 5.82 -9.84
CA ASP A 115 -9.39 4.98 -9.03
C ASP A 115 -8.17 5.83 -8.68
N ALA A 116 -8.16 6.43 -7.49
CA ALA A 116 -7.11 7.39 -7.07
C ALA A 116 -5.96 6.65 -6.38
N ASP A 117 -6.13 5.36 -6.09
CA ASP A 117 -5.11 4.52 -5.42
C ASP A 117 -4.08 4.06 -6.46
N MET A 118 -3.14 4.93 -6.84
CA MET A 118 -2.24 4.69 -8.00
C MET A 118 -1.13 3.67 -7.68
N ARG A 119 -0.94 3.24 -6.42
CA ARG A 119 0.10 2.24 -6.07
C ARG A 119 -0.37 0.81 -6.38
N ARG A 120 -1.68 0.56 -6.37
CA ARG A 120 -2.25 -0.80 -6.60
C ARG A 120 -3.13 -0.78 -7.84
N GLY A 121 -4.03 0.20 -7.92
CA GLY A 121 -4.89 0.48 -9.08
C GLY A 121 -5.57 -0.76 -9.61
N LEU A 122 -6.60 -1.25 -8.94
CA LEU A 122 -7.23 -2.54 -9.32
C LEU A 122 -8.61 -2.34 -9.98
N LEU A 123 -9.24 -1.18 -9.84
CA LEU A 123 -10.64 -0.97 -10.29
C LEU A 123 -10.85 -1.35 -11.76
N ASP A 124 -9.83 -1.19 -12.62
CA ASP A 124 -9.96 -1.44 -14.09
C ASP A 124 -10.21 -2.93 -14.37
N ARG A 125 -9.89 -3.81 -13.43
CA ARG A 125 -10.13 -5.27 -13.59
C ARG A 125 -11.63 -5.55 -13.57
N TYR A 126 -12.44 -4.61 -13.09
CA TYR A 126 -13.91 -4.77 -13.06
C TYR A 126 -14.52 -4.39 -14.41
N PHE A 127 -13.71 -3.86 -15.35
CA PHE A 127 -14.22 -3.34 -16.64
C PHE A 127 -13.45 -3.93 -17.83
N PRO A 133 -4.66 4.88 -20.81
CA PRO A 133 -4.27 6.03 -20.02
C PRO A 133 -5.25 6.24 -18.86
N GLY A 134 -4.73 6.57 -17.69
CA GLY A 134 -5.53 6.79 -16.47
C GLY A 134 -5.08 8.02 -15.71
N LEU A 135 -5.33 8.03 -14.40
CA LEU A 135 -5.13 9.21 -13.53
C LEU A 135 -3.66 9.63 -13.52
N SER A 136 -2.73 8.67 -13.50
CA SER A 136 -1.28 8.93 -13.36
C SER A 136 -0.77 9.69 -14.59
N GLU A 137 -1.20 9.28 -15.79
CA GLU A 137 -0.87 9.95 -17.08
C GLU A 137 -1.54 11.32 -17.11
N LEU A 138 -2.73 11.46 -16.50
CA LEU A 138 -3.51 12.74 -16.47
C LEU A 138 -2.79 13.76 -15.59
N LEU A 139 -2.38 13.37 -14.38
CA LEU A 139 -1.78 14.29 -13.39
C LEU A 139 -0.30 14.56 -13.71
N SER A 140 0.33 13.71 -14.52
CA SER A 140 1.73 13.90 -14.99
C SER A 140 1.75 14.58 -16.36
N ASP A 141 0.61 15.14 -16.79
CA ASP A 141 0.40 15.91 -18.05
C ASP A 141 0.77 15.08 -19.29
N GLN A 142 0.77 13.75 -19.21
CA GLN A 142 1.09 12.90 -20.38
C GLN A 142 -0.19 12.67 -21.21
N SER A 143 -1.37 12.78 -20.60
CA SER A 143 -2.65 12.62 -21.33
C SER A 143 -3.59 13.78 -21.04
N ALA A 144 -4.51 14.03 -21.97
CA ALA A 144 -5.60 15.00 -21.79
C ALA A 144 -6.80 14.27 -21.17
N LEU A 145 -7.61 15.00 -20.42
CA LEU A 145 -8.85 14.52 -19.75
C LEU A 145 -9.72 13.72 -20.73
N GLU A 146 -9.81 14.19 -21.98
CA GLU A 146 -10.56 13.57 -23.09
C GLU A 146 -10.12 12.11 -23.31
N ASP A 147 -8.82 11.82 -23.16
CA ASP A 147 -8.25 10.47 -23.41
C ASP A 147 -8.31 9.60 -22.15
N ALA A 148 -8.41 10.22 -20.96
CA ALA A 148 -8.32 9.53 -19.66
C ALA A 148 -9.70 9.02 -19.23
N VAL A 149 -10.76 9.73 -19.59
CA VAL A 149 -12.16 9.35 -19.22
C VAL A 149 -12.66 8.29 -20.20
N ARG A 150 -13.11 7.16 -19.68
CA ARG A 150 -13.58 6.02 -20.52
C ARG A 150 -15.04 5.69 -20.17
N GLU A 151 -15.82 5.34 -21.19
CA GLU A 151 -17.21 4.83 -21.02
C GLU A 151 -17.14 3.33 -20.77
N THR A 152 -17.80 2.84 -19.71
CA THR A 152 -17.76 1.40 -19.30
C THR A 152 -18.95 0.64 -19.88
N PRO A 153 -19.01 -0.69 -19.67
CA PRO A 153 -20.16 -1.51 -20.06
C PRO A 153 -21.39 -1.29 -19.19
N VAL A 154 -21.25 -0.48 -18.13
CA VAL A 154 -22.37 -0.03 -17.25
C VAL A 154 -22.86 1.31 -17.77
N GLN A 155 -24.12 1.36 -18.19
CA GLN A 155 -24.70 2.56 -18.87
C GLN A 155 -24.89 3.69 -17.86
N GLY A 156 -24.32 4.84 -18.17
CA GLY A 156 -24.36 6.03 -17.30
C GLY A 156 -23.15 6.08 -16.38
N LEU A 157 -22.22 5.13 -16.53
CA LEU A 157 -21.00 5.07 -15.69
C LEU A 157 -19.78 5.26 -16.58
N SER A 158 -19.04 6.34 -16.30
CA SER A 158 -17.73 6.66 -16.92
C SER A 158 -16.64 6.35 -15.88
N PHE A 159 -15.41 6.17 -16.32
CA PHE A 159 -14.33 5.68 -15.41
C PHE A 159 -12.98 6.28 -15.79
N ILE A 160 -12.27 6.75 -14.77
CA ILE A 160 -10.81 7.03 -14.90
C ILE A 160 -10.07 5.97 -14.09
N SER A 161 -9.22 5.22 -14.77
CA SER A 161 -8.38 4.15 -14.18
C SER A 161 -7.20 4.81 -13.45
N ALA A 162 -6.50 4.03 -12.63
CA ALA A 162 -5.30 4.46 -11.90
C ALA A 162 -4.21 4.86 -12.89
N GLY A 163 -4.16 4.19 -14.04
CA GLY A 163 -3.14 4.44 -15.07
C GLY A 163 -1.86 3.69 -14.73
N THR A 164 -0.76 3.92 -15.43
CA THR A 164 0.47 3.15 -15.13
C THR A 164 1.01 3.62 -13.77
N ARG A 165 1.61 2.71 -13.00
CA ARG A 165 2.13 3.05 -11.65
C ARG A 165 3.27 4.06 -11.79
N PRO A 166 3.10 5.28 -11.21
CA PRO A 166 4.13 6.31 -11.27
C PRO A 166 5.11 6.20 -10.12
N PRO A 167 6.31 6.79 -10.22
CA PRO A 167 7.28 6.75 -9.13
C PRO A 167 6.92 7.72 -8.00
N ASN A 168 6.03 8.66 -8.28
CA ASN A 168 5.72 9.81 -7.39
C ASN A 168 4.21 9.97 -7.19
N PRO A 169 3.48 8.95 -6.70
CA PRO A 169 2.02 9.03 -6.58
C PRO A 169 1.52 10.15 -5.66
N SER A 170 2.08 10.34 -4.47
CA SER A 170 1.62 11.39 -3.53
C SER A 170 1.91 12.76 -4.14
N GLU A 171 3.05 12.91 -4.80
CA GLU A 171 3.45 14.17 -5.46
C GLU A 171 2.41 14.54 -6.52
N LEU A 172 1.90 13.55 -7.26
CA LEU A 172 0.89 13.77 -8.33
C LEU A 172 -0.43 14.19 -7.69
N LEU A 173 -0.89 13.49 -6.66
CA LEU A 173 -2.16 13.81 -5.97
C LEU A 173 -2.05 15.15 -5.23
N MET A 174 -0.85 15.58 -4.84
CA MET A 174 -0.64 16.89 -4.14
C MET A 174 -0.46 18.02 -5.16
N SER A 175 -0.44 17.72 -6.46
CA SER A 175 -0.25 18.74 -7.53
C SER A 175 -1.49 19.64 -7.60
N THR A 176 -1.39 20.77 -8.31
CA THR A 176 -2.55 21.67 -8.52
C THR A 176 -3.54 21.06 -9.50
N ARG A 177 -3.14 20.07 -10.30
CA ARG A 177 -4.02 19.53 -11.38
C ARG A 177 -5.23 18.80 -10.78
N LEU A 178 -5.05 17.97 -9.75
CA LEU A 178 -6.15 17.13 -9.18
C LEU A 178 -7.40 17.96 -8.91
N PRO A 179 -7.36 19.00 -8.04
CA PRO A 179 -8.55 19.77 -7.68
C PRO A 179 -9.17 20.57 -8.84
N GLN A 180 -8.34 20.97 -9.79
CA GLN A 180 -8.78 21.71 -11.00
C GLN A 180 -9.61 20.77 -11.87
N TYR A 181 -9.12 19.55 -12.08
CA TYR A 181 -9.82 18.52 -12.89
C TYR A 181 -11.14 18.16 -12.20
N LEU A 182 -11.11 17.95 -10.88
CA LEU A 182 -12.31 17.60 -10.09
C LEU A 182 -13.34 18.74 -10.16
N GLU A 183 -12.86 19.99 -10.16
CA GLU A 183 -13.75 21.18 -10.27
C GLU A 183 -14.56 21.10 -11.57
N GLY A 184 -13.92 20.74 -12.69
CA GLY A 184 -14.59 20.65 -14.00
C GLY A 184 -15.46 19.41 -14.13
N LEU A 185 -14.96 18.26 -13.67
CA LEU A 185 -15.70 16.97 -13.77
C LEU A 185 -16.96 16.99 -12.90
N GLY A 186 -16.95 17.76 -11.81
CA GLY A 186 -18.09 17.90 -10.89
C GLY A 186 -19.23 18.66 -11.52
N LYS A 187 -18.96 19.36 -12.63
CA LYS A 187 -19.95 20.19 -13.34
C LYS A 187 -20.55 19.42 -14.51
N ARG A 188 -19.92 18.32 -14.91
CA ARG A 188 -20.33 17.57 -16.12
C ARG A 188 -20.87 16.18 -15.72
N TYR A 189 -20.92 15.86 -14.43
CA TYR A 189 -21.43 14.56 -13.92
C TYR A 189 -22.27 14.81 -12.67
N ASP A 190 -23.27 13.98 -12.43
CA ASP A 190 -24.11 14.10 -11.21
C ASP A 190 -23.33 13.63 -10.00
N VAL A 191 -22.45 12.65 -10.18
CA VAL A 191 -21.65 12.06 -9.09
C VAL A 191 -20.24 11.79 -9.59
N VAL A 192 -19.26 12.33 -8.86
CA VAL A 192 -17.85 11.89 -8.98
C VAL A 192 -17.54 11.06 -7.73
N LEU A 193 -17.28 9.77 -7.92
CA LEU A 193 -16.98 8.82 -6.82
C LEU A 193 -15.50 8.50 -6.86
N ILE A 194 -14.79 8.78 -5.78
CA ILE A 194 -13.33 8.52 -5.77
C ILE A 194 -13.02 7.39 -4.78
N ASP A 195 -12.26 6.42 -5.26
CA ASP A 195 -11.59 5.38 -4.44
C ASP A 195 -10.21 5.95 -4.10
N SER A 196 -10.09 6.58 -2.94
CA SER A 196 -8.83 7.27 -2.56
C SER A 196 -7.88 6.26 -1.92
N PRO A 197 -6.57 6.56 -1.87
CA PRO A 197 -5.64 5.74 -1.10
C PRO A 197 -6.00 5.72 0.38
N PRO A 198 -5.52 4.71 1.14
CA PRO A 198 -5.83 4.62 2.56
C PRO A 198 -5.13 5.75 3.31
N VAL A 199 -5.69 6.16 4.44
CA VAL A 199 -5.16 7.31 5.24
C VAL A 199 -4.08 6.80 6.21
N LEU A 200 -2.87 6.52 5.68
CA LEU A 200 -1.76 5.93 6.47
C LEU A 200 -1.03 7.01 7.25
N ALA A 201 -1.09 8.25 6.78
CA ALA A 201 -0.37 9.37 7.42
C ALA A 201 -1.07 10.67 7.07
N VAL A 202 -0.64 11.74 7.70
CA VAL A 202 -1.27 13.09 7.58
C VAL A 202 -1.21 13.56 6.12
N THR A 203 -0.17 13.17 5.38
CA THR A 203 0.00 13.49 3.94
C THR A 203 -1.16 12.87 3.14
N ASP A 204 -1.57 11.66 3.50
CA ASP A 204 -2.74 10.99 2.86
C ASP A 204 -4.01 11.76 3.24
N ALA A 205 -4.13 12.25 4.48
CA ALA A 205 -5.33 13.00 4.92
C ALA A 205 -5.39 14.34 4.18
N THR A 206 -4.25 14.95 3.88
CA THR A 206 -4.19 16.25 3.17
C THR A 206 -4.69 16.06 1.74
N ILE A 207 -4.17 15.03 1.07
CA ILE A 207 -4.55 14.65 -0.32
C ILE A 207 -6.05 14.44 -0.36
N ILE A 208 -6.60 13.69 0.58
CA ILE A 208 -8.07 13.45 0.66
C ILE A 208 -8.80 14.78 0.89
N GLY A 209 -8.20 15.70 1.65
CA GLY A 209 -8.80 17.03 1.91
C GLY A 209 -8.86 17.87 0.64
N ARG A 210 -7.87 17.72 -0.24
CA ARG A 210 -7.81 18.47 -1.52
C ARG A 210 -8.81 17.90 -2.50
N MET A 211 -9.28 16.68 -2.26
CA MET A 211 -10.35 16.06 -3.07
C MET A 211 -11.67 16.76 -2.77
N ALA A 212 -11.81 17.31 -1.55
CA ALA A 212 -12.94 18.19 -1.17
C ALA A 212 -14.27 17.52 -1.50
N GLY A 213 -14.51 16.32 -0.97
CA GLY A 213 -15.76 15.58 -1.20
C GLY A 213 -16.37 15.13 0.11
N SER A 214 -17.63 14.70 0.07
CA SER A 214 -18.28 14.03 1.22
C SER A 214 -17.54 12.71 1.38
N THR A 215 -16.91 12.50 2.53
CA THR A 215 -15.93 11.40 2.71
C THR A 215 -16.46 10.37 3.69
N PHE A 216 -16.20 9.10 3.39
CA PHE A 216 -16.68 7.96 4.19
C PHE A 216 -15.48 7.07 4.50
N LEU A 217 -15.40 6.60 5.73
CA LEU A 217 -14.32 5.71 6.19
C LEU A 217 -14.82 4.28 6.13
N VAL A 218 -14.21 3.47 5.28
CA VAL A 218 -14.55 2.03 5.19
C VAL A 218 -13.82 1.31 6.31
N LEU A 219 -14.51 0.44 7.05
CA LEU A 219 -13.90 -0.42 8.09
C LEU A 219 -14.38 -1.84 7.89
N ARG A 220 -13.47 -2.81 7.91
CA ARG A 220 -13.88 -4.22 7.75
C ARG A 220 -14.03 -4.88 9.12
N SER A 221 -15.13 -5.60 9.33
CA SER A 221 -15.41 -6.37 10.56
C SER A 221 -14.20 -7.26 10.92
N GLY A 222 -13.76 -7.19 12.17
CA GLY A 222 -12.69 -8.04 12.75
C GLY A 222 -11.28 -7.72 12.27
N MET A 223 -11.05 -6.62 11.55
CA MET A 223 -9.70 -6.34 11.00
C MET A 223 -8.97 -5.24 11.78
N HIS A 224 -9.69 -4.38 12.48
CA HIS A 224 -9.09 -3.14 13.04
C HIS A 224 -9.19 -3.11 14.56
N THR A 225 -8.11 -2.70 15.22
CA THR A 225 -8.14 -2.38 16.67
C THR A 225 -8.76 -1.00 16.84
N GLU A 226 -9.18 -0.70 18.06
CA GLU A 226 -9.76 0.62 18.42
C GLU A 226 -8.72 1.71 18.15
N GLY A 227 -7.44 1.43 18.36
CA GLY A 227 -6.36 2.40 18.12
C GLY A 227 -6.18 2.72 16.64
N GLU A 228 -6.19 1.69 15.80
CA GLU A 228 -6.02 1.84 14.33
C GLU A 228 -7.17 2.66 13.75
N ILE A 229 -8.39 2.44 14.25
CA ILE A 229 -9.58 3.21 13.78
C ILE A 229 -9.40 4.66 14.24
N ALA A 230 -9.06 4.88 15.50
CA ALA A 230 -8.86 6.23 16.08
C ALA A 230 -7.83 7.03 15.27
N ASP A 231 -6.69 6.43 14.92
CA ASP A 231 -5.61 7.11 14.16
C ASP A 231 -6.18 7.64 12.84
N ALA A 232 -6.85 6.77 12.08
CA ALA A 232 -7.43 7.09 10.75
C ALA A 232 -8.38 8.28 10.86
N ILE A 233 -9.28 8.22 11.82
CA ILE A 233 -10.29 9.29 12.06
C ILE A 233 -9.57 10.59 12.41
N LYS A 234 -8.59 10.51 13.31
CA LYS A 234 -7.85 11.71 13.78
C LYS A 234 -7.14 12.37 12.59
N ARG A 235 -6.46 11.59 11.76
CA ARG A 235 -5.77 12.10 10.56
C ARG A 235 -6.76 12.89 9.71
N LEU A 236 -7.95 12.33 9.48
CA LEU A 236 -8.97 12.96 8.61
C LEU A 236 -9.51 14.23 9.27
N ARG A 237 -9.96 14.17 10.52
CA ARG A 237 -10.59 15.34 11.17
C ARG A 237 -9.57 16.49 11.27
N THR A 238 -8.32 16.20 11.62
CA THR A 238 -7.29 17.27 11.79
C THR A 238 -6.93 17.89 10.43
N ALA A 239 -7.07 17.16 9.32
CA ALA A 239 -6.76 17.70 7.97
C ALA A 239 -7.95 18.51 7.41
N GLY A 240 -9.06 18.61 8.13
CA GLY A 240 -10.20 19.45 7.74
C GLY A 240 -11.20 18.70 6.87
N VAL A 241 -11.03 17.40 6.69
CA VAL A 241 -11.85 16.56 5.78
C VAL A 241 -13.29 16.48 6.28
N ASP A 242 -14.26 16.53 5.36
CA ASP A 242 -15.70 16.37 5.65
C ASP A 242 -15.98 14.88 5.79
N LEU A 243 -15.61 14.33 6.94
CA LEU A 243 -15.84 12.91 7.28
C LEU A 243 -17.29 12.77 7.71
N GLU A 244 -18.15 12.32 6.81
CA GLU A 244 -19.61 12.22 7.06
C GLU A 244 -19.86 11.07 8.03
N GLY A 245 -19.23 9.92 7.80
CA GLY A 245 -19.42 8.76 8.67
C GLY A 245 -18.62 7.58 8.18
N GLY A 246 -19.01 6.38 8.58
CA GLY A 246 -18.29 5.17 8.16
C GLY A 246 -19.19 4.18 7.46
N ILE A 247 -18.56 3.17 6.86
CA ILE A 247 -19.22 2.01 6.19
C ILE A 247 -18.62 0.77 6.81
N PHE A 248 -19.41 -0.03 7.53
CA PHE A 248 -18.92 -1.25 8.20
C PHE A 248 -19.14 -2.44 7.26
N ASN A 249 -18.06 -3.01 6.72
CA ASN A 249 -18.11 -4.05 5.68
C ASN A 249 -17.76 -5.42 6.27
N GLY A 250 -18.24 -6.49 5.64
CA GLY A 250 -17.89 -7.88 5.99
C GLY A 250 -18.59 -8.38 7.24
N VAL A 251 -19.73 -7.78 7.61
CA VAL A 251 -20.43 -8.21 8.85
C VAL A 251 -21.07 -9.58 8.60
N PRO A 252 -21.25 -10.38 9.67
CA PRO A 252 -21.95 -11.66 9.59
C PRO A 252 -23.32 -11.56 8.93
N PRO A 253 -23.62 -12.37 7.90
CA PRO A 253 -24.95 -12.40 7.30
C PRO A 253 -25.90 -13.35 8.05
N GLN B 6 3.81 17.73 11.67
CA GLN B 6 5.15 18.26 11.31
C GLN B 6 6.11 17.09 11.05
N GLY B 7 6.64 16.99 9.82
CA GLY B 7 7.57 15.91 9.41
C GLY B 7 8.87 15.96 10.21
N ILE B 8 9.32 14.82 10.71
CA ILE B 8 10.57 14.70 11.53
C ILE B 8 11.78 14.72 10.59
N GLU B 9 12.73 15.64 10.77
CA GLU B 9 13.98 15.66 9.96
C GLU B 9 15.21 15.47 10.85
N ASP B 10 15.07 15.66 12.16
CA ASP B 10 16.19 15.65 13.14
C ASP B 10 16.48 14.23 13.61
N PRO B 11 17.59 13.58 13.18
CA PRO B 11 17.92 12.21 13.59
C PRO B 11 18.14 12.05 15.09
N ASP B 12 18.70 13.07 15.76
CA ASP B 12 18.94 13.04 17.22
C ASP B 12 17.60 12.93 17.95
N ARG B 13 16.57 13.63 17.47
CA ARG B 13 15.21 13.61 18.06
C ARG B 13 14.62 12.20 17.99
N ILE B 14 14.88 11.48 16.90
CA ILE B 14 14.40 10.08 16.68
C ILE B 14 15.02 9.16 17.73
N GLU B 15 16.34 9.21 17.91
CA GLU B 15 17.08 8.28 18.81
C GLU B 15 16.59 8.45 20.25
N ARG B 16 16.44 9.69 20.70
CA ARG B 16 16.12 10.03 22.11
C ARG B 16 14.64 9.76 22.40
N ALA B 17 13.76 10.12 21.47
CA ALA B 17 12.29 10.01 21.68
C ALA B 17 11.86 8.54 21.79
N PHE B 18 12.47 7.63 21.03
CA PHE B 18 11.97 6.24 20.92
C PHE B 18 13.02 5.21 21.34
N ASN B 19 14.20 5.64 21.78
CA ASN B 19 15.32 4.70 22.09
C ASN B 19 15.53 3.83 20.85
N LEU B 20 15.56 4.46 19.69
CA LEU B 20 15.79 3.76 18.39
C LEU B 20 17.16 4.15 17.88
N PRO B 21 18.20 3.32 18.09
CA PRO B 21 19.52 3.58 17.55
C PRO B 21 19.46 3.52 16.03
N LEU B 22 20.03 4.53 15.38
CA LEU B 22 20.06 4.62 13.90
C LEU B 22 21.35 3.99 13.39
N TYR B 23 21.20 2.99 12.53
CA TYR B 23 22.33 2.20 11.97
C TYR B 23 22.90 2.92 10.75
N GLY B 24 22.19 3.92 10.25
CA GLY B 24 22.71 4.67 9.09
C GLY B 24 21.92 5.92 8.80
N LEU B 25 22.62 6.92 8.30
CA LEU B 25 22.05 8.18 7.75
C LEU B 25 22.39 8.20 6.27
N VAL B 26 21.40 7.95 5.43
CA VAL B 26 21.60 7.84 3.96
C VAL B 26 21.14 9.15 3.33
N PRO B 27 22.06 9.93 2.75
CA PRO B 27 21.69 11.19 2.10
C PRO B 27 20.85 11.01 0.84
N GLN B 28 20.03 12.02 0.53
CA GLN B 28 19.29 12.09 -0.74
C GLN B 28 20.32 12.23 -1.86
N SER B 29 20.46 11.20 -2.70
CA SER B 29 21.45 11.17 -3.81
C SER B 29 20.90 11.96 -4.99
N ALA B 30 21.57 13.04 -5.39
CA ALA B 30 21.18 13.82 -6.58
C ALA B 30 21.43 12.96 -7.83
N GLU B 31 22.43 12.07 -7.80
CA GLU B 31 22.72 11.18 -8.94
C GLU B 31 21.63 10.11 -9.05
N GLN B 32 21.11 9.63 -7.92
CA GLN B 32 19.99 8.65 -7.93
C GLN B 32 18.74 9.30 -8.52
N VAL B 33 18.48 10.56 -8.18
CA VAL B 33 17.31 11.32 -8.70
C VAL B 33 17.45 11.46 -10.21
N LYS B 34 18.66 11.74 -10.68
CA LYS B 34 18.96 11.88 -12.13
C LYS B 34 18.68 10.55 -12.83
N LEU B 35 19.28 9.47 -12.31
CA LEU B 35 19.08 8.10 -12.86
C LEU B 35 17.58 7.76 -12.91
N ASP B 36 16.85 8.07 -11.84
CA ASP B 36 15.39 7.85 -11.76
C ASP B 36 14.68 8.67 -12.84
N ALA B 37 15.05 9.94 -13.01
CA ALA B 37 14.42 10.89 -13.95
C ALA B 37 14.50 10.34 -15.39
N GLN B 38 15.71 10.02 -15.84
CA GLN B 38 15.96 9.63 -17.26
C GLN B 38 15.53 8.18 -17.51
N ALA B 39 15.23 7.40 -16.47
CA ALA B 39 14.67 6.04 -16.65
C ALA B 39 13.15 6.16 -16.82
N GLU B 40 12.56 7.12 -16.12
CA GLU B 40 11.11 7.42 -16.21
C GLU B 40 10.81 8.20 -17.49
N LYS B 41 11.84 8.81 -18.09
CA LYS B 41 11.72 9.60 -19.35
C LYS B 41 11.82 8.66 -20.55
N SER B 42 12.75 7.71 -20.48
CA SER B 42 13.04 6.72 -21.56
C SER B 42 12.03 5.57 -21.55
N GLY B 43 11.13 5.54 -20.56
CA GLY B 43 10.14 4.45 -20.41
C GLY B 43 10.81 3.17 -19.95
N SER B 44 12.00 3.28 -19.34
CA SER B 44 12.77 2.13 -18.81
C SER B 44 11.87 1.30 -17.89
N ARG B 45 11.94 -0.02 -18.02
CA ARG B 45 11.23 -0.98 -17.14
C ARG B 45 12.22 -1.52 -16.11
N THR B 46 13.47 -1.04 -16.17
CA THR B 46 14.57 -1.47 -15.25
C THR B 46 15.07 -0.26 -14.46
N ARG B 47 14.82 -0.26 -13.15
CA ARG B 47 15.37 0.76 -12.21
C ARG B 47 16.89 0.56 -12.11
N PRO B 48 17.70 1.63 -12.13
CA PRO B 48 19.15 1.51 -11.98
C PRO B 48 19.55 1.14 -10.55
N ILE B 49 20.73 0.54 -10.39
CA ILE B 49 21.29 0.20 -9.07
C ILE B 49 22.48 1.11 -8.81
N LEU B 50 22.29 2.10 -7.92
CA LEU B 50 23.28 3.16 -7.63
C LEU B 50 24.61 2.51 -7.24
N ALA B 51 24.57 1.49 -6.39
CA ALA B 51 25.77 0.79 -5.89
C ALA B 51 26.61 0.21 -7.05
N SER B 52 25.99 -0.25 -8.14
CA SER B 52 26.74 -0.85 -9.28
C SER B 52 27.28 0.27 -10.18
N LEU B 53 26.51 1.32 -10.39
CA LEU B 53 26.83 2.39 -11.39
C LEU B 53 27.79 3.43 -10.80
N ARG B 54 27.61 3.84 -9.54
CA ARG B 54 28.39 4.95 -8.92
C ARG B 54 28.97 4.52 -7.58
N PRO B 55 30.13 3.83 -7.58
CA PRO B 55 30.73 3.31 -6.35
C PRO B 55 31.16 4.38 -5.35
N LYS B 56 31.42 5.60 -5.80
CA LYS B 56 31.89 6.73 -4.95
C LYS B 56 30.73 7.63 -4.48
N ASP B 57 29.49 7.33 -4.81
CA ASP B 57 28.38 8.24 -4.43
C ASP B 57 28.26 8.26 -2.90
N LEU B 58 27.94 9.42 -2.31
CA LEU B 58 27.90 9.58 -0.83
C LEU B 58 26.81 8.70 -0.22
N SER B 59 25.71 8.44 -0.93
CA SER B 59 24.70 7.48 -0.44
C SER B 59 25.31 6.08 -0.41
N VAL B 60 26.08 5.72 -1.44
CA VAL B 60 26.73 4.39 -1.54
C VAL B 60 27.75 4.22 -0.42
N GLU B 61 28.63 5.20 -0.18
CA GLU B 61 29.60 5.13 0.95
C GLU B 61 28.82 5.02 2.26
N SER B 62 27.73 5.79 2.41
CA SER B 62 26.85 5.70 3.60
C SER B 62 26.21 4.31 3.70
N LEU B 63 25.93 3.66 2.58
CA LEU B 63 25.30 2.31 2.57
C LEU B 63 26.31 1.23 2.97
N ARG B 64 27.57 1.39 2.55
CA ARG B 64 28.69 0.49 2.93
C ARG B 64 28.85 0.43 4.45
N SER B 65 28.75 1.57 5.12
CA SER B 65 28.82 1.69 6.61
C SER B 65 27.64 0.97 7.24
N LEU B 66 26.44 1.30 6.77
CA LEU B 66 25.17 0.72 7.27
C LEU B 66 25.21 -0.81 7.17
N ARG B 67 25.74 -1.34 6.08
CA ARG B 67 25.81 -2.80 5.80
C ARG B 67 26.66 -3.50 6.87
N THR B 68 27.86 -3.02 7.15
CA THR B 68 28.74 -3.67 8.15
C THR B 68 28.03 -3.68 9.49
N ALA B 69 27.44 -2.57 9.91
CA ALA B 69 26.73 -2.47 11.21
C ALA B 69 25.56 -3.46 11.25
N MET B 70 24.85 -3.64 10.14
CA MET B 70 23.69 -4.56 10.06
C MET B 70 24.17 -6.01 10.16
N GLN B 71 25.30 -6.32 9.52
CA GLN B 71 25.92 -7.67 9.60
C GLN B 71 26.26 -8.01 11.04
N PHE B 72 26.94 -7.11 11.78
CA PHE B 72 27.32 -7.37 13.18
C PHE B 72 26.07 -7.64 14.01
N ALA B 73 25.04 -6.80 13.84
CA ALA B 73 23.76 -6.94 14.57
C ALA B 73 23.16 -8.32 14.32
N MET B 74 23.14 -8.76 13.07
CA MET B 74 22.61 -10.10 12.67
C MET B 74 23.39 -11.19 13.39
N MET B 75 24.73 -11.08 13.37
CA MET B 75 25.63 -12.08 13.99
C MET B 75 25.43 -12.08 15.51
N ASP B 76 25.33 -10.91 16.13
CA ASP B 76 25.09 -10.86 17.61
C ASP B 76 23.77 -11.57 17.94
N ALA B 77 22.74 -11.44 17.09
CA ALA B 77 21.40 -11.99 17.39
C ALA B 77 21.30 -13.47 16.96
N LYS B 78 22.38 -14.06 16.42
CA LYS B 78 22.46 -15.48 15.98
C LYS B 78 21.41 -15.72 14.89
N ASN B 79 21.19 -14.73 14.03
CA ASN B 79 20.20 -14.81 12.93
C ASN B 79 20.92 -14.99 11.61
N ARG B 80 20.17 -15.36 10.58
CA ARG B 80 20.68 -15.37 9.18
C ARG B 80 19.73 -14.58 8.30
N VAL B 81 18.67 -14.01 8.90
CA VAL B 81 17.64 -13.21 8.17
C VAL B 81 17.71 -11.77 8.65
N ILE B 82 17.76 -10.83 7.71
CA ILE B 82 17.60 -9.38 8.03
C ILE B 82 16.31 -8.89 7.41
N VAL B 83 15.49 -8.16 8.16
CA VAL B 83 14.17 -7.68 7.66
C VAL B 83 14.13 -6.16 7.68
N LEU B 84 13.87 -5.52 6.53
CA LEU B 84 13.63 -4.06 6.49
C LEU B 84 12.13 -3.82 6.44
N THR B 85 11.63 -2.96 7.31
CA THR B 85 10.21 -2.53 7.27
C THR B 85 10.16 -1.01 7.36
N GLY B 86 8.95 -0.46 7.39
CA GLY B 86 8.75 1.00 7.41
C GLY B 86 7.31 1.33 7.73
N PRO B 87 7.00 2.57 8.18
CA PRO B 87 5.64 2.93 8.52
C PRO B 87 4.73 2.94 7.28
N THR B 88 5.27 3.30 6.12
CA THR B 88 4.45 3.48 4.88
C THR B 88 5.29 3.19 3.64
N PRO B 89 4.67 3.13 2.45
CA PRO B 89 5.41 3.15 1.18
C PRO B 89 5.99 4.54 0.90
N GLY B 90 6.94 4.65 -0.03
CA GLY B 90 7.51 5.94 -0.48
C GLY B 90 8.72 6.39 0.33
N ILE B 91 9.27 5.53 1.20
CA ILE B 91 10.34 5.93 2.17
C ILE B 91 11.73 5.52 1.64
N GLY B 92 11.81 4.76 0.55
CA GLY B 92 13.07 4.28 0.00
C GLY B 92 13.42 2.88 0.46
N LYS B 93 12.44 2.06 0.80
CA LYS B 93 12.69 0.68 1.29
C LYS B 93 13.20 -0.21 0.14
N SER B 94 12.71 -0.02 -1.08
CA SER B 94 13.20 -0.78 -2.26
C SER B 94 14.64 -0.39 -2.57
N PHE B 95 14.90 0.91 -2.70
CA PHE B 95 16.23 1.49 -2.97
C PHE B 95 17.26 0.93 -1.98
N LEU B 96 16.94 1.01 -0.70
CA LEU B 96 17.86 0.58 0.37
C LEU B 96 18.08 -0.93 0.29
N THR B 97 17.03 -1.72 0.22
CA THR B 97 17.16 -3.19 0.30
C THR B 97 18.02 -3.67 -0.86
N VAL B 98 17.79 -3.14 -2.06
CA VAL B 98 18.51 -3.62 -3.27
C VAL B 98 19.97 -3.16 -3.21
N ASN B 99 20.23 -1.92 -2.84
CA ASN B 99 21.62 -1.41 -2.79
C ASN B 99 22.37 -2.17 -1.69
N LEU B 100 21.74 -2.39 -0.54
CA LEU B 100 22.36 -3.20 0.56
C LEU B 100 22.69 -4.60 0.05
N ALA B 101 21.76 -5.29 -0.60
CA ALA B 101 21.97 -6.67 -1.11
C ALA B 101 23.21 -6.69 -2.02
N VAL B 102 23.33 -5.73 -2.93
CA VAL B 102 24.48 -5.66 -3.88
C VAL B 102 25.78 -5.44 -3.10
N LEU B 103 25.79 -4.53 -2.13
CA LEU B 103 27.00 -4.28 -1.31
C LEU B 103 27.39 -5.53 -0.52
N LEU B 104 26.42 -6.25 0.05
CA LEU B 104 26.71 -7.54 0.74
C LEU B 104 27.33 -8.53 -0.25
N ALA B 105 26.78 -8.61 -1.46
CA ALA B 105 27.29 -9.51 -2.54
C ALA B 105 28.71 -9.08 -2.93
N HIS B 106 28.95 -7.78 -3.02
CA HIS B 106 30.27 -7.21 -3.40
C HIS B 106 31.31 -7.55 -2.33
N SER B 107 30.92 -7.53 -1.06
CA SER B 107 31.82 -7.83 0.08
C SER B 107 32.31 -9.28 0.00
N GLY B 108 31.54 -10.16 -0.66
CA GLY B 108 31.92 -11.57 -0.91
C GLY B 108 30.89 -12.60 -0.45
N LYS B 109 29.84 -12.16 0.26
CA LYS B 109 28.74 -12.98 0.84
C LYS B 109 27.82 -13.54 -0.24
N ARG B 110 27.27 -14.73 0.00
CA ARG B 110 26.21 -15.30 -0.85
C ARG B 110 24.88 -14.81 -0.28
N VAL B 111 24.16 -13.96 -1.01
CA VAL B 111 22.97 -13.24 -0.49
C VAL B 111 21.71 -13.72 -1.22
N LEU B 112 20.60 -13.84 -0.49
CA LEU B 112 19.26 -14.10 -1.06
C LEU B 112 18.36 -12.92 -0.75
N LEU B 113 17.96 -12.15 -1.77
CA LEU B 113 17.04 -11.00 -1.59
C LEU B 113 15.61 -11.49 -1.79
N ILE B 114 14.67 -11.11 -0.93
CA ILE B 114 13.26 -11.56 -1.07
C ILE B 114 12.33 -10.34 -1.05
N ASP B 115 11.50 -10.22 -2.07
CA ASP B 115 10.43 -9.19 -2.10
C ASP B 115 9.18 -9.78 -1.45
N ALA B 116 8.92 -9.47 -0.18
CA ALA B 116 7.80 -10.06 0.58
C ALA B 116 6.60 -9.12 0.57
N ASP B 117 6.68 -7.98 -0.12
CA ASP B 117 5.50 -7.10 -0.30
C ASP B 117 4.74 -7.59 -1.52
N MET B 118 3.65 -8.33 -1.30
CA MET B 118 2.95 -9.00 -2.41
C MET B 118 1.77 -8.15 -2.91
N ARG B 119 1.67 -6.91 -2.44
CA ARG B 119 0.64 -5.95 -2.92
C ARG B 119 1.31 -4.89 -3.79
N ARG B 120 2.56 -4.54 -3.54
CA ARG B 120 3.21 -3.46 -4.32
C ARG B 120 4.70 -3.71 -4.51
N GLY B 121 5.20 -4.89 -4.14
CA GLY B 121 6.63 -5.20 -4.36
C GLY B 121 6.99 -5.03 -5.82
N LEU B 122 8.02 -4.25 -6.14
CA LEU B 122 8.54 -4.12 -7.52
C LEU B 122 10.07 -4.23 -7.50
N LEU B 123 10.62 -5.13 -6.69
CA LEU B 123 12.10 -5.33 -6.63
C LEU B 123 12.57 -5.99 -7.93
N ASP B 124 11.71 -6.74 -8.63
CA ASP B 124 12.09 -7.39 -9.91
C ASP B 124 12.60 -6.34 -10.91
N ARG B 125 12.10 -5.11 -10.86
CA ARG B 125 12.47 -4.00 -11.79
C ARG B 125 13.97 -3.70 -11.75
N TYR B 126 14.65 -3.93 -10.63
CA TYR B 126 16.11 -3.67 -10.56
C TYR B 126 16.92 -4.75 -11.29
N PHE B 127 16.31 -5.90 -11.61
CA PHE B 127 17.07 -7.06 -12.18
C PHE B 127 16.57 -7.43 -13.59
N PRO B 133 7.97 -17.00 -11.65
CA PRO B 133 7.25 -17.13 -10.39
C PRO B 133 8.08 -16.62 -9.20
N GLY B 134 7.38 -16.20 -8.16
CA GLY B 134 8.01 -15.65 -6.96
C GLY B 134 7.35 -16.16 -5.70
N LEU B 135 7.33 -15.33 -4.67
CA LEU B 135 6.92 -15.75 -3.32
C LEU B 135 5.44 -16.14 -3.29
N SER B 136 4.57 -15.39 -3.94
CA SER B 136 3.10 -15.67 -3.93
C SER B 136 2.86 -17.11 -4.40
N GLU B 137 3.52 -17.53 -5.48
CA GLU B 137 3.37 -18.92 -6.02
C GLU B 137 3.95 -19.92 -5.01
N LEU B 138 5.18 -19.69 -4.56
CA LEU B 138 5.86 -20.61 -3.61
C LEU B 138 4.98 -20.81 -2.38
N LEU B 139 4.42 -19.74 -1.81
CA LEU B 139 3.62 -19.82 -0.55
C LEU B 139 2.23 -20.41 -0.84
N SER B 140 1.82 -20.47 -2.12
CA SER B 140 0.52 -21.04 -2.56
C SER B 140 0.70 -22.50 -3.01
N ASP B 141 1.95 -22.95 -3.07
CA ASP B 141 2.39 -24.29 -3.54
C ASP B 141 2.15 -24.43 -5.05
N GLN B 142 2.17 -23.32 -5.79
CA GLN B 142 2.07 -23.33 -7.27
C GLN B 142 3.46 -23.46 -7.88
N SER B 143 4.50 -23.37 -7.07
CA SER B 143 5.90 -23.38 -7.56
C SER B 143 6.81 -24.02 -6.53
N ALA B 144 7.88 -24.67 -6.96
CA ALA B 144 8.87 -25.22 -6.04
C ALA B 144 9.97 -24.18 -5.82
N LEU B 145 10.69 -24.34 -4.71
CA LEU B 145 11.75 -23.39 -4.28
C LEU B 145 12.79 -23.20 -5.39
N GLU B 146 13.18 -24.27 -6.09
CA GLU B 146 14.26 -24.24 -7.12
C GLU B 146 13.83 -23.41 -8.35
N ASP B 147 12.53 -23.14 -8.51
CA ASP B 147 11.95 -22.33 -9.61
C ASP B 147 11.80 -20.88 -9.17
N ALA B 148 11.46 -20.65 -7.90
CA ALA B 148 11.22 -19.31 -7.32
C ALA B 148 12.56 -18.58 -7.13
N VAL B 149 13.60 -19.28 -6.68
CA VAL B 149 14.95 -18.70 -6.46
C VAL B 149 15.65 -18.52 -7.80
N ARG B 150 15.99 -17.27 -8.11
CA ARG B 150 16.58 -16.89 -9.44
C ARG B 150 17.95 -16.25 -9.24
N GLU B 151 18.85 -16.47 -10.20
CA GLU B 151 20.17 -15.80 -10.25
C GLU B 151 19.94 -14.39 -10.81
N THR B 152 20.79 -13.46 -10.39
CA THR B 152 20.68 -12.01 -10.66
C THR B 152 21.86 -11.62 -11.53
N PRO B 153 21.84 -10.47 -12.23
CA PRO B 153 23.03 -9.96 -12.91
C PRO B 153 24.24 -9.84 -11.97
N VAL B 154 23.98 -9.52 -10.70
CA VAL B 154 25.01 -9.32 -9.63
C VAL B 154 25.49 -10.67 -9.10
N GLN B 155 26.76 -10.96 -9.32
CA GLN B 155 27.43 -12.19 -8.83
C GLN B 155 27.24 -12.33 -7.33
N GLY B 156 26.76 -13.49 -6.90
CA GLY B 156 26.59 -13.82 -5.47
C GLY B 156 25.23 -13.43 -4.95
N LEU B 157 24.41 -12.73 -5.75
CA LEU B 157 23.05 -12.31 -5.32
C LEU B 157 22.00 -13.18 -6.00
N SER B 158 21.18 -13.87 -5.20
CA SER B 158 20.01 -14.65 -5.67
C SER B 158 18.75 -13.89 -5.25
N PHE B 159 17.63 -14.15 -5.91
CA PHE B 159 16.44 -13.29 -5.73
C PHE B 159 15.16 -14.09 -5.87
N ILE B 160 14.21 -13.78 -4.99
CA ILE B 160 12.82 -14.29 -5.03
C ILE B 160 11.94 -13.07 -5.14
N SER B 161 11.26 -12.89 -6.27
CA SER B 161 10.34 -11.74 -6.45
C SER B 161 9.07 -11.98 -5.62
N ALA B 162 8.19 -10.98 -5.58
CA ALA B 162 6.90 -11.11 -4.87
C ALA B 162 5.98 -12.10 -5.60
N GLY B 163 6.17 -12.30 -6.90
CA GLY B 163 5.34 -13.20 -7.74
C GLY B 163 4.05 -12.52 -8.17
N THR B 164 3.13 -13.27 -8.78
CA THR B 164 1.80 -12.74 -9.18
C THR B 164 1.11 -12.19 -7.94
N ARG B 165 0.49 -11.02 -8.04
CA ARG B 165 -0.27 -10.45 -6.90
C ARG B 165 -1.35 -11.46 -6.50
N PRO B 166 -1.36 -11.97 -5.26
CA PRO B 166 -2.41 -12.89 -4.81
C PRO B 166 -3.56 -12.11 -4.21
N PRO B 167 -4.73 -12.74 -3.98
CA PRO B 167 -5.86 -12.06 -3.35
C PRO B 167 -5.78 -12.14 -1.82
N ASN B 168 -4.87 -12.95 -1.29
CA ASN B 168 -4.75 -13.24 0.16
C ASN B 168 -3.30 -13.09 0.61
N PRO B 169 -2.60 -11.97 0.33
CA PRO B 169 -1.18 -11.87 0.62
C PRO B 169 -0.86 -12.02 2.11
N SER B 170 -1.70 -11.44 2.97
CA SER B 170 -1.52 -11.49 4.44
C SER B 170 -1.59 -12.96 4.90
N GLU B 171 -2.61 -13.68 4.44
CA GLU B 171 -2.87 -15.09 4.81
C GLU B 171 -1.69 -15.98 4.35
N LEU B 172 -1.12 -15.70 3.18
CA LEU B 172 0.02 -16.47 2.64
C LEU B 172 1.24 -16.29 3.55
N LEU B 173 1.46 -15.07 4.03
CA LEU B 173 2.63 -14.78 4.88
C LEU B 173 2.41 -15.30 6.30
N MET B 174 1.18 -15.65 6.68
CA MET B 174 0.87 -16.17 8.05
C MET B 174 0.99 -17.69 8.10
N SER B 175 1.25 -18.36 6.96
CA SER B 175 1.27 -19.84 6.89
C SER B 175 2.59 -20.39 7.45
N THR B 176 2.63 -21.70 7.60
CA THR B 176 3.79 -22.47 8.17
C THR B 176 4.95 -22.44 7.19
N ARG B 177 4.68 -22.30 5.89
CA ARG B 177 5.67 -22.55 4.82
C ARG B 177 6.80 -21.50 4.83
N LEU B 178 6.49 -20.22 5.01
CA LEU B 178 7.54 -19.17 4.94
C LEU B 178 8.62 -19.39 6.00
N PRO B 179 8.28 -19.48 7.30
CA PRO B 179 9.27 -19.77 8.35
C PRO B 179 10.13 -20.99 8.02
N GLN B 180 9.52 -22.08 7.55
CA GLN B 180 10.22 -23.35 7.26
C GLN B 180 11.14 -23.17 6.05
N TYR B 181 10.77 -22.36 5.07
CA TYR B 181 11.67 -22.13 3.91
C TYR B 181 12.86 -21.30 4.41
N LEU B 182 12.60 -20.31 5.25
CA LEU B 182 13.65 -19.38 5.72
C LEU B 182 14.74 -20.15 6.48
N GLU B 183 14.38 -21.16 7.26
CA GLU B 183 15.40 -21.92 8.04
C GLU B 183 16.40 -22.57 7.07
N GLY B 184 15.94 -23.24 6.01
CA GLY B 184 16.83 -23.88 5.03
C GLY B 184 17.65 -22.86 4.28
N LEU B 185 17.02 -21.78 3.81
CA LEU B 185 17.68 -20.72 3.01
C LEU B 185 18.76 -20.01 3.84
N GLY B 186 18.56 -19.89 5.16
CA GLY B 186 19.53 -19.27 6.09
C GLY B 186 20.83 -20.05 6.20
N LYS B 187 20.81 -21.33 5.86
CA LYS B 187 22.02 -22.21 5.87
C LYS B 187 22.70 -22.18 4.50
N ARG B 188 21.92 -22.04 3.41
CA ARG B 188 22.45 -22.09 2.02
C ARG B 188 23.00 -20.72 1.60
N TYR B 189 22.62 -19.65 2.30
CA TYR B 189 23.07 -18.26 2.02
C TYR B 189 23.63 -17.66 3.31
N ASP B 190 24.59 -16.74 3.18
CA ASP B 190 25.23 -16.05 4.33
C ASP B 190 24.23 -15.11 5.00
N VAL B 191 23.38 -14.47 4.20
CA VAL B 191 22.31 -13.58 4.74
C VAL B 191 21.08 -13.71 3.85
N VAL B 192 19.91 -13.71 4.47
CA VAL B 192 18.61 -13.63 3.77
C VAL B 192 18.02 -12.26 4.05
N LEU B 193 18.02 -11.36 3.05
CA LEU B 193 17.56 -9.96 3.21
C LEU B 193 16.12 -9.84 2.70
N ILE B 194 15.17 -9.52 3.56
CA ILE B 194 13.73 -9.46 3.16
C ILE B 194 13.25 -8.00 3.17
N ASP B 195 12.72 -7.55 2.03
CA ASP B 195 11.94 -6.29 1.95
C ASP B 195 10.51 -6.65 2.35
N SER B 196 10.11 -6.31 3.57
CA SER B 196 8.78 -6.73 4.08
C SER B 196 7.77 -5.63 3.83
N PRO B 197 6.45 -5.94 3.93
CA PRO B 197 5.42 -4.93 3.79
C PRO B 197 5.47 -3.96 4.97
N PRO B 198 5.00 -2.72 4.79
CA PRO B 198 5.05 -1.72 5.85
C PRO B 198 4.15 -2.14 7.02
N VAL B 199 4.51 -1.73 8.23
CA VAL B 199 3.78 -2.13 9.46
C VAL B 199 2.60 -1.17 9.65
N LEU B 200 1.49 -1.44 8.97
CA LEU B 200 0.29 -0.57 9.02
C LEU B 200 -0.63 -1.02 10.16
N ALA B 201 -0.53 -2.28 10.58
CA ALA B 201 -1.48 -2.86 11.54
C ALA B 201 -0.86 -4.01 12.32
N VAL B 202 -1.54 -4.44 13.37
CA VAL B 202 -1.12 -5.58 14.25
C VAL B 202 -0.71 -6.74 13.34
N THR B 203 -1.56 -7.15 12.40
CA THR B 203 -1.27 -8.32 11.54
C THR B 203 0.05 -8.11 10.80
N ASP B 204 0.34 -6.92 10.27
CA ASP B 204 1.64 -6.64 9.61
C ASP B 204 2.80 -6.95 10.57
N ALA B 205 2.68 -6.55 11.84
CA ALA B 205 3.74 -6.78 12.85
C ALA B 205 3.86 -8.29 13.12
N THR B 206 2.75 -9.00 13.28
CA THR B 206 2.76 -10.47 13.49
C THR B 206 3.55 -11.12 12.36
N ILE B 207 3.25 -10.76 11.12
CA ILE B 207 3.90 -11.26 9.88
C ILE B 207 5.42 -11.11 10.04
N ILE B 208 5.87 -9.91 10.33
CA ILE B 208 7.32 -9.59 10.45
C ILE B 208 7.90 -10.42 11.60
N GLY B 209 7.14 -10.62 12.68
CA GLY B 209 7.57 -11.52 13.77
C GLY B 209 7.85 -12.93 13.27
N ARG B 210 7.03 -13.45 12.36
CA ARG B 210 7.18 -14.85 11.86
C ARG B 210 8.47 -14.98 11.04
N MET B 211 8.90 -13.92 10.38
CA MET B 211 10.15 -13.93 9.59
C MET B 211 11.34 -14.13 10.55
N ALA B 212 11.18 -13.72 11.80
CA ALA B 212 12.14 -13.96 12.91
C ALA B 212 13.56 -13.58 12.47
N GLY B 213 13.75 -12.34 12.00
CA GLY B 213 15.09 -11.85 11.65
C GLY B 213 15.43 -10.57 12.38
N SER B 214 16.69 -10.16 12.31
CA SER B 214 17.17 -8.83 12.77
C SER B 214 16.42 -7.79 11.95
N THR B 215 15.50 -7.05 12.57
CA THR B 215 14.55 -6.14 11.88
C THR B 215 14.95 -4.67 12.04
N PHE B 216 14.91 -3.90 10.96
CA PHE B 216 15.28 -2.47 10.97
C PHE B 216 14.10 -1.64 10.44
N LEU B 217 13.78 -0.55 11.13
CA LEU B 217 12.67 0.35 10.75
C LEU B 217 13.23 1.45 9.86
N VAL B 218 12.86 1.46 8.58
CA VAL B 218 13.26 2.54 7.65
C VAL B 218 12.36 3.74 7.92
N LEU B 219 12.94 4.94 7.95
CA LEU B 219 12.20 6.21 8.11
C LEU B 219 12.79 7.23 7.14
N ARG B 220 11.96 7.96 6.42
CA ARG B 220 12.47 9.00 5.49
C ARG B 220 12.33 10.38 6.12
N SER B 221 13.37 11.19 5.98
CA SER B 221 13.45 12.58 6.50
C SER B 221 12.24 13.40 6.03
N GLY B 222 11.55 14.06 6.96
CA GLY B 222 10.43 14.97 6.70
C GLY B 222 9.15 14.27 6.33
N MET B 223 9.06 12.95 6.44
CA MET B 223 7.88 12.19 5.95
C MET B 223 6.99 11.75 7.09
N HIS B 224 7.51 11.62 8.31
CA HIS B 224 6.78 10.99 9.43
C HIS B 224 6.58 11.98 10.57
N THR B 225 5.40 11.97 11.17
CA THR B 225 5.14 12.69 12.44
C THR B 225 5.65 11.83 13.59
N GLU B 226 5.78 12.43 14.76
CA GLU B 226 6.25 11.71 15.96
C GLU B 226 5.29 10.55 16.26
N GLY B 227 3.98 10.81 16.34
CA GLY B 227 2.96 9.78 16.58
C GLY B 227 3.03 8.65 15.55
N GLU B 228 3.30 8.97 14.29
CA GLU B 228 3.37 7.97 13.19
C GLU B 228 4.51 7.00 13.47
N ILE B 229 5.69 7.50 13.84
CA ILE B 229 6.86 6.63 14.18
C ILE B 229 6.52 5.82 15.43
N ALA B 230 5.92 6.44 16.44
CA ALA B 230 5.54 5.78 17.70
C ALA B 230 4.64 4.59 17.40
N ASP B 231 3.63 4.79 16.56
CA ASP B 231 2.66 3.72 16.22
C ASP B 231 3.40 2.52 15.60
N ALA B 232 4.30 2.74 14.64
CA ALA B 232 5.02 1.63 13.98
C ALA B 232 5.89 0.89 15.00
N ILE B 233 6.60 1.63 15.85
CA ILE B 233 7.52 1.01 16.83
C ILE B 233 6.68 0.18 17.80
N LYS B 234 5.58 0.74 18.30
CA LYS B 234 4.71 0.06 19.29
C LYS B 234 4.17 -1.25 18.72
N ARG B 235 3.78 -1.29 17.44
CA ARG B 235 3.24 -2.53 16.80
C ARG B 235 4.33 -3.59 16.75
N LEU B 236 5.50 -3.24 16.22
CA LEU B 236 6.65 -4.16 16.11
C LEU B 236 7.00 -4.69 17.50
N ARG B 237 7.20 -3.80 18.47
CA ARG B 237 7.69 -4.17 19.83
C ARG B 237 6.64 -5.02 20.55
N THR B 238 5.35 -4.70 20.44
CA THR B 238 4.28 -5.47 21.14
C THR B 238 4.10 -6.86 20.49
N ALA B 239 4.53 -7.04 19.24
CA ALA B 239 4.47 -8.34 18.54
C ALA B 239 5.70 -9.20 18.88
N GLY B 240 6.71 -8.64 19.54
CA GLY B 240 7.93 -9.38 19.93
C GLY B 240 8.94 -9.45 18.80
N VAL B 241 8.91 -8.52 17.85
CA VAL B 241 9.88 -8.47 16.72
C VAL B 241 11.24 -8.04 17.27
N ASP B 242 12.34 -8.60 16.74
CA ASP B 242 13.72 -8.17 17.10
C ASP B 242 14.04 -6.87 16.36
N LEU B 243 13.51 -5.74 16.83
CA LEU B 243 13.76 -4.41 16.22
C LEU B 243 15.12 -3.90 16.69
N GLU B 244 16.18 -4.18 15.93
CA GLU B 244 17.58 -3.80 16.27
C GLU B 244 17.71 -2.27 16.32
N GLY B 245 17.17 -1.57 15.33
CA GLY B 245 17.30 -0.10 15.23
C GLY B 245 16.61 0.46 14.00
N GLY B 246 17.00 1.65 13.60
CA GLY B 246 16.39 2.36 12.46
C GLY B 246 17.39 2.71 11.38
N ILE B 247 16.88 3.08 10.21
CA ILE B 247 17.68 3.57 9.06
C ILE B 247 16.99 4.85 8.61
N PHE B 248 17.71 5.96 8.60
CA PHE B 248 17.15 7.30 8.27
C PHE B 248 17.64 7.66 6.87
N ASN B 249 16.67 7.87 5.96
CA ASN B 249 16.92 7.93 4.50
C ASN B 249 16.47 9.29 3.95
N GLY B 250 17.13 9.74 2.89
CA GLY B 250 16.78 10.97 2.16
C GLY B 250 17.15 12.22 2.94
N VAL B 251 18.33 12.23 3.56
CA VAL B 251 18.79 13.42 4.34
C VAL B 251 19.23 14.46 3.32
N PRO B 252 18.61 15.67 3.31
CA PRO B 252 18.98 16.72 2.36
C PRO B 252 20.45 17.14 2.48
#